data_3UWT
#
_entry.id   3UWT
#
_cell.length_a   64.173
_cell.length_b   64.173
_cell.length_c   80.337
_cell.angle_alpha   90.000
_cell.angle_beta   90.000
_cell.angle_gamma   120.000
#
_symmetry.space_group_name_H-M   'P 31 2 1'
#
loop_
_entity.id
_entity.type
_entity.pdbx_description
1 polymer 'Poly(U)-binding-splicing factor PUF60'
2 non-polymer 'CHLORIDE ION'
3 water water
#
_entity_poly.entity_id   1
_entity_poly.type   'polypeptide(L)'
_entity_poly.pdbx_seq_one_letter_code
;GAAQRQRALAI(MSE)CRVYVGSIYYELGEDTIRQAFAPFGPIKSID(MSE)SWDSVT(MSE)KHKGFAFVEYEVPEAAQ
LALEQ(MSE)NSV(MSE)LGGRNIKVGRPSNIGQAQPIIDQLAEEARAFNRIYVASVHQDLSDDDIKSVFEAFGKIKSCT
LARDPTTGKHKGYGFIEYEKAQSSQDAVSS(MSE)NLFDLGGQYLRVGKAVTPP(MSE)PLLTPATPG
;
_entity_poly.pdbx_strand_id   A
#
loop_
_chem_comp.id
_chem_comp.type
_chem_comp.name
_chem_comp.formula
CL non-polymer 'CHLORIDE ION' 'Cl -1'
#
# COMPACT_ATOMS: atom_id res chain seq x y z
N GLY A 1 -5.35 -23.40 -5.62
CA GLY A 1 -4.40 -22.69 -6.47
C GLY A 1 -4.65 -21.19 -6.54
N ALA A 2 -5.44 -20.75 -7.55
CA ALA A 2 -5.79 -19.34 -7.77
C ALA A 2 -6.78 -18.80 -6.69
N ALA A 3 -7.55 -19.70 -6.05
CA ALA A 3 -8.52 -19.34 -5.01
C ALA A 3 -7.82 -18.99 -3.68
N GLN A 4 -6.91 -19.86 -3.18
CA GLN A 4 -6.18 -19.63 -1.91
C GLN A 4 -5.24 -18.40 -1.99
N ARG A 5 -4.74 -18.04 -3.20
CA ARG A 5 -3.90 -16.86 -3.44
C ARG A 5 -4.75 -15.61 -3.24
N GLN A 6 -6.01 -15.64 -3.74
CA GLN A 6 -6.97 -14.53 -3.60
C GLN A 6 -7.29 -14.28 -2.12
N ARG A 7 -7.48 -15.37 -1.36
CA ARG A 7 -7.77 -15.36 0.08
C ARG A 7 -6.66 -14.60 0.85
N ALA A 8 -5.37 -14.90 0.55
CA ALA A 8 -4.19 -14.28 1.20
C ALA A 8 -4.00 -12.85 0.78
N LEU A 9 -4.24 -12.55 -0.51
CA LEU A 9 -4.13 -11.19 -1.03
C LEU A 9 -5.10 -10.26 -0.31
N ALA A 10 -6.30 -10.76 0.00
CA ALA A 10 -7.35 -10.05 0.70
C ALA A 10 -6.94 -9.74 2.14
N ILE A 11 -6.20 -10.66 2.79
CA ILE A 11 -5.71 -10.42 4.18
C ILE A 11 -4.55 -9.44 4.13
N MSE A 12 -3.70 -9.54 3.08
CA MSE A 12 -2.53 -8.69 2.91
C MSE A 12 -2.88 -7.20 2.70
O MSE A 12 -2.01 -6.34 2.91
CB MSE A 12 -1.72 -9.19 1.70
CG MSE A 12 -0.93 -10.46 1.93
SE MSE A 12 -0.11 -11.12 0.28
CE MSE A 12 1.22 -9.81 0.08
N CYS A 13 -4.10 -6.89 2.27
CA CYS A 13 -4.61 -5.55 2.01
C CYS A 13 -5.09 -4.86 3.28
N ARG A 14 -5.29 -5.61 4.36
CA ARG A 14 -5.82 -5.06 5.59
C ARG A 14 -4.73 -4.81 6.62
N VAL A 15 -4.86 -3.69 7.36
CA VAL A 15 -3.99 -3.31 8.46
C VAL A 15 -4.86 -3.01 9.67
N TYR A 16 -4.44 -3.55 10.83
CA TYR A 16 -5.07 -3.34 12.13
C TYR A 16 -4.56 -2.02 12.68
N VAL A 17 -5.45 -1.22 13.24
CA VAL A 17 -5.04 0.06 13.84
C VAL A 17 -5.59 0.06 15.24
N GLY A 18 -4.69 0.09 16.21
CA GLY A 18 -5.02 0.08 17.62
C GLY A 18 -4.56 1.34 18.31
N SER A 19 -5.10 1.58 19.52
CA SER A 19 -4.82 2.74 20.39
C SER A 19 -5.28 4.06 19.68
N ILE A 20 -6.53 4.05 19.20
CA ILE A 20 -7.17 5.20 18.58
C ILE A 20 -7.84 6.03 19.68
N TYR A 21 -7.50 7.33 19.77
CA TYR A 21 -8.08 8.27 20.73
C TYR A 21 -9.62 8.23 20.62
N TYR A 22 -10.32 8.00 21.74
CA TYR A 22 -11.79 7.83 21.86
C TYR A 22 -12.61 8.88 21.05
N GLU A 23 -12.15 10.15 20.98
CA GLU A 23 -12.82 11.27 20.29
C GLU A 23 -12.55 11.28 18.76
N LEU A 24 -11.54 10.52 18.29
CA LEU A 24 -11.19 10.45 16.86
C LEU A 24 -12.23 9.61 16.09
N GLY A 25 -12.47 10.01 14.84
CA GLY A 25 -13.43 9.37 13.95
C GLY A 25 -12.84 8.71 12.71
N GLU A 26 -13.71 8.15 11.87
CA GLU A 26 -13.36 7.47 10.62
C GLU A 26 -12.63 8.38 9.64
N ASP A 27 -12.97 9.69 9.59
CA ASP A 27 -12.31 10.61 8.64
C ASP A 27 -10.87 10.89 9.07
N THR A 28 -10.59 10.98 10.38
CA THR A 28 -9.24 11.23 10.88
C THR A 28 -8.35 10.07 10.42
N ILE A 29 -8.85 8.82 10.52
CA ILE A 29 -8.12 7.62 10.10
C ILE A 29 -7.92 7.61 8.56
N ARG A 30 -8.94 8.07 7.79
CA ARG A 30 -8.91 8.14 6.32
C ARG A 30 -7.79 9.07 5.85
N GLN A 31 -7.76 10.32 6.33
CA GLN A 31 -6.72 11.29 5.96
C GLN A 31 -5.31 10.78 6.26
N ALA A 32 -5.17 10.08 7.40
CA ALA A 32 -3.94 9.55 7.93
C ALA A 32 -3.41 8.36 7.12
N PHE A 33 -4.32 7.53 6.57
CA PHE A 33 -3.91 6.32 5.88
C PHE A 33 -4.04 6.44 4.36
N ALA A 34 -4.73 7.46 3.83
CA ALA A 34 -4.89 7.75 2.38
C ALA A 34 -3.54 8.02 1.65
N PRO A 35 -2.42 8.51 2.27
CA PRO A 35 -1.20 8.73 1.49
C PRO A 35 -0.55 7.44 0.96
N PHE A 36 -0.84 6.28 1.57
CA PHE A 36 -0.24 4.99 1.23
C PHE A 36 -0.96 4.32 0.07
N GLY A 37 -2.13 4.82 -0.25
CA GLY A 37 -2.93 4.33 -1.33
C GLY A 37 -4.37 4.62 -1.02
N PRO A 38 -5.26 4.53 -2.03
CA PRO A 38 -6.69 4.79 -1.78
C PRO A 38 -7.31 3.67 -0.92
N ILE A 39 -8.08 4.11 0.10
CA ILE A 39 -8.73 3.25 1.08
C ILE A 39 -9.98 2.62 0.47
N LYS A 40 -10.05 1.29 0.50
CA LYS A 40 -11.24 0.58 0.02
C LYS A 40 -12.33 0.64 1.09
N SER A 41 -11.96 0.46 2.37
CA SER A 41 -12.92 0.48 3.48
C SER A 41 -12.26 0.63 4.84
N ILE A 42 -13.02 1.16 5.83
CA ILE A 42 -12.57 1.25 7.21
C ILE A 42 -13.66 0.56 8.07
N ASP A 43 -13.31 -0.61 8.67
CA ASP A 43 -14.18 -1.38 9.56
C ASP A 43 -13.81 -1.00 11.00
N MSE A 44 -14.71 -0.29 11.67
CA MSE A 44 -14.38 0.20 12.99
C MSE A 44 -15.26 -0.42 14.09
O MSE A 44 -16.45 -0.61 13.90
CB MSE A 44 -14.52 1.72 13.03
CG MSE A 44 -13.65 2.33 14.10
SE MSE A 44 -13.36 4.18 13.77
CE MSE A 44 -12.18 4.13 12.28
N SER A 45 -14.61 -0.70 15.22
CA SER A 45 -15.18 -1.26 16.44
C SER A 45 -16.25 -0.33 17.00
N TRP A 46 -17.32 -0.90 17.56
CA TRP A 46 -18.38 -0.09 18.09
C TRP A 46 -18.99 -0.76 19.33
N ASP A 47 -19.01 -0.02 20.45
CA ASP A 47 -19.62 -0.46 21.70
C ASP A 47 -20.94 0.27 21.84
N SER A 48 -22.02 -0.44 21.46
CA SER A 48 -23.40 0.04 21.44
C SER A 48 -23.89 0.44 22.83
N VAL A 49 -23.42 -0.26 23.86
CA VAL A 49 -23.79 -0.05 25.27
C VAL A 49 -23.03 1.16 25.88
N THR A 50 -21.80 1.44 25.42
CA THR A 50 -20.96 2.51 25.99
C THR A 50 -20.88 3.77 25.11
N MSE A 51 -21.23 3.66 23.81
CA MSE A 51 -21.16 4.72 22.77
C MSE A 51 -19.70 5.04 22.48
O MSE A 51 -18.84 4.90 23.35
CB MSE A 51 -21.96 5.98 23.13
CG MSE A 51 -23.44 5.71 23.35
SE MSE A 51 -24.33 4.89 21.80
CE MSE A 51 -24.40 6.44 20.64
N LYS A 52 -19.41 5.43 21.22
CA LYS A 52 -18.05 5.68 20.71
C LYS A 52 -17.33 4.34 20.49
N HIS A 53 -16.40 4.31 19.53
CA HIS A 53 -15.66 3.12 19.12
C HIS A 53 -14.85 2.49 20.30
N LYS A 54 -14.38 1.24 20.10
CA LYS A 54 -13.60 0.47 21.07
C LYS A 54 -12.08 0.60 20.81
N GLY A 55 -11.63 1.77 20.37
CA GLY A 55 -10.22 2.09 20.15
C GLY A 55 -9.46 1.43 19.01
N PHE A 56 -10.07 0.49 18.27
CA PHE A 56 -9.36 -0.13 17.14
C PHE A 56 -10.19 -0.09 15.86
N ALA A 57 -9.51 -0.24 14.70
CA ALA A 57 -10.11 -0.26 13.37
C ALA A 57 -9.28 -1.06 12.37
N PHE A 58 -9.94 -1.61 11.35
CA PHE A 58 -9.32 -2.33 10.25
C PHE A 58 -9.44 -1.49 9.00
N VAL A 59 -8.29 -1.04 8.47
CA VAL A 59 -8.23 -0.25 7.24
C VAL A 59 -7.93 -1.21 6.11
N GLU A 60 -8.79 -1.26 5.08
CA GLU A 60 -8.56 -2.12 3.95
C GLU A 60 -8.15 -1.29 2.74
N TYR A 61 -7.04 -1.69 2.13
CA TYR A 61 -6.52 -1.04 0.93
C TYR A 61 -6.92 -1.81 -0.29
N GLU A 62 -6.66 -1.23 -1.47
CA GLU A 62 -6.98 -1.85 -2.76
C GLU A 62 -5.89 -2.83 -3.21
N VAL A 63 -4.65 -2.55 -2.82
CA VAL A 63 -3.46 -3.27 -3.24
C VAL A 63 -2.60 -3.60 -1.98
N PRO A 64 -1.99 -4.82 -1.89
CA PRO A 64 -1.22 -5.20 -0.67
C PRO A 64 0.00 -4.32 -0.34
N GLU A 65 0.55 -3.63 -1.35
CA GLU A 65 1.74 -2.79 -1.21
C GLU A 65 1.43 -1.56 -0.39
N ALA A 66 0.20 -1.06 -0.51
CA ALA A 66 -0.28 0.08 0.26
C ALA A 66 -0.33 -0.27 1.74
N ALA A 67 -0.82 -1.49 2.07
CA ALA A 67 -0.91 -1.98 3.43
C ALA A 67 0.48 -2.18 4.03
N GLN A 68 1.45 -2.71 3.25
CA GLN A 68 2.85 -2.87 3.66
C GLN A 68 3.49 -1.51 3.99
N LEU A 69 3.33 -0.48 3.13
CA LEU A 69 3.87 0.86 3.40
C LEU A 69 3.22 1.49 4.61
N ALA A 70 1.88 1.32 4.75
CA ALA A 70 1.15 1.88 5.90
C ALA A 70 1.51 1.14 7.19
N LEU A 71 2.17 0.00 7.08
CA LEU A 71 2.60 -0.74 8.25
C LEU A 71 4.00 -0.30 8.65
N GLU A 72 4.89 -0.15 7.65
CA GLU A 72 6.29 0.27 7.81
C GLU A 72 6.33 1.67 8.38
N GLN A 73 5.58 2.57 7.75
CA GLN A 73 5.37 3.95 8.19
C GLN A 73 4.09 3.91 9.04
N MSE A 74 3.74 4.90 9.85
CA MSE A 74 2.44 4.89 10.58
C MSE A 74 2.43 4.11 11.90
O MSE A 74 1.63 4.46 12.77
CB MSE A 74 1.28 4.32 9.72
CG MSE A 74 0.19 5.32 9.49
SE MSE A 74 0.89 7.04 9.08
CE MSE A 74 -0.52 8.01 9.87
N ASN A 75 3.25 3.08 12.05
CA ASN A 75 3.32 2.42 13.37
C ASN A 75 4.01 3.38 14.33
N SER A 76 3.49 3.48 15.57
CA SER A 76 3.96 4.31 16.70
C SER A 76 3.78 5.85 16.46
N VAL A 77 3.24 6.30 15.29
CA VAL A 77 3.06 7.74 15.02
C VAL A 77 1.91 8.28 15.91
N MSE A 78 1.98 9.57 16.27
CA MSE A 78 0.96 10.12 17.15
C MSE A 78 -0.21 10.65 16.36
O MSE A 78 -0.04 11.37 15.37
CB MSE A 78 1.52 11.20 18.05
CG MSE A 78 0.64 11.43 19.25
SE MSE A 78 1.50 12.52 20.55
CE MSE A 78 3.17 11.48 20.81
N LEU A 79 -1.41 10.29 16.82
CA LEU A 79 -2.67 10.64 16.20
C LEU A 79 -3.67 10.95 17.30
N GLY A 80 -4.07 12.23 17.35
CA GLY A 80 -5.01 12.75 18.33
C GLY A 80 -4.44 12.85 19.74
N GLY A 81 -3.13 12.74 19.84
CA GLY A 81 -2.41 12.78 21.11
C GLY A 81 -2.46 11.42 21.79
N ARG A 82 -2.11 10.37 21.03
CA ARG A 82 -2.01 8.98 21.43
C ARG A 82 -1.27 8.23 20.34
N ASN A 83 -0.23 7.46 20.70
CA ASN A 83 0.58 6.73 19.73
C ASN A 83 -0.14 5.45 19.34
N ILE A 84 -0.49 5.36 18.04
CA ILE A 84 -1.24 4.26 17.46
C ILE A 84 -0.34 3.05 17.21
N LYS A 85 -0.98 1.88 17.22
CA LYS A 85 -0.36 0.58 16.97
C LYS A 85 -0.87 0.08 15.61
N VAL A 86 0.02 -0.08 14.64
CA VAL A 86 -0.34 -0.56 13.31
C VAL A 86 0.25 -1.95 13.13
N GLY A 87 -0.62 -2.92 12.85
CA GLY A 87 -0.21 -4.31 12.63
C GLY A 87 -1.06 -5.02 11.60
N ARG A 88 -0.87 -6.33 11.48
CA ARG A 88 -1.60 -7.20 10.56
C ARG A 88 -2.72 -7.96 11.30
N PRO A 89 -3.81 -8.43 10.62
CA PRO A 89 -4.86 -9.18 11.33
C PRO A 89 -4.32 -10.45 12.02
N SER A 90 -4.99 -10.90 13.09
CA SER A 90 -4.60 -12.06 13.91
C SER A 90 -4.52 -13.39 13.12
N ASN A 91 -5.41 -13.56 12.12
CA ASN A 91 -5.51 -14.74 11.26
C ASN A 91 -4.54 -14.68 10.02
N ILE A 92 -3.53 -13.76 10.04
CA ILE A 92 -2.51 -13.59 8.98
C ILE A 92 -1.70 -14.91 8.83
N GLY A 93 -1.58 -15.66 9.94
CA GLY A 93 -0.95 -16.96 10.00
C GLY A 93 -1.89 -17.99 9.42
N GLN A 94 -1.34 -19.13 8.94
CA GLN A 94 -2.07 -20.23 8.27
C GLN A 94 -2.63 -19.70 6.93
N ALA A 95 -1.90 -18.70 6.39
CA ALA A 95 -2.05 -17.97 5.13
C ALA A 95 -0.68 -17.47 4.69
N GLN A 96 0.25 -17.40 5.68
CA GLN A 96 1.64 -16.97 5.57
C GLN A 96 2.43 -17.79 4.52
N PRO A 97 2.32 -19.14 4.38
CA PRO A 97 3.08 -19.83 3.30
C PRO A 97 2.84 -19.23 1.90
N ILE A 98 1.60 -18.79 1.61
CA ILE A 98 1.22 -18.18 0.33
C ILE A 98 1.76 -16.73 0.29
N ILE A 99 1.72 -15.99 1.41
CA ILE A 99 2.27 -14.65 1.53
C ILE A 99 3.79 -14.70 1.23
N ASP A 100 4.48 -15.73 1.76
CA ASP A 100 5.90 -15.97 1.52
C ASP A 100 6.16 -16.40 0.07
N GLN A 101 5.24 -17.17 -0.56
CA GLN A 101 5.36 -17.55 -1.97
C GLN A 101 5.23 -16.33 -2.87
N LEU A 102 4.28 -15.42 -2.53
CA LEU A 102 4.06 -14.21 -3.31
C LEU A 102 5.29 -13.31 -3.22
N ALA A 103 5.97 -13.32 -2.07
CA ALA A 103 7.20 -12.54 -1.82
C ALA A 103 8.37 -13.13 -2.60
N GLU A 104 8.46 -14.46 -2.69
CA GLU A 104 9.51 -15.14 -3.47
C GLU A 104 9.37 -14.78 -4.93
N GLU A 105 8.12 -14.83 -5.44
CA GLU A 105 7.76 -14.57 -6.83
C GLU A 105 7.98 -13.11 -7.18
N ALA A 106 7.75 -12.18 -6.23
CA ALA A 106 7.97 -10.76 -6.43
C ALA A 106 9.44 -10.47 -6.69
N ARG A 107 10.35 -11.26 -6.04
CA ARG A 107 11.79 -11.11 -6.16
CA ARG A 107 11.81 -11.15 -6.15
C ARG A 107 12.27 -11.41 -7.58
N ALA A 108 11.47 -12.12 -8.39
CA ALA A 108 11.82 -12.40 -9.79
C ALA A 108 11.64 -11.13 -10.67
N PHE A 109 10.89 -10.15 -10.17
CA PHE A 109 10.62 -8.88 -10.84
C PHE A 109 11.34 -7.72 -10.11
N ASN A 110 11.55 -6.60 -10.82
CA ASN A 110 12.18 -5.36 -10.29
C ASN A 110 11.09 -4.26 -10.32
N ARG A 111 9.99 -4.58 -9.64
CA ARG A 111 8.79 -3.77 -9.55
CA ARG A 111 8.79 -3.77 -9.55
C ARG A 111 8.74 -2.98 -8.25
N ILE A 112 8.35 -1.71 -8.34
CA ILE A 112 8.21 -0.83 -7.20
C ILE A 112 6.78 -0.27 -7.23
N TYR A 113 6.23 0.00 -6.05
CA TYR A 113 4.91 0.60 -5.84
C TYR A 113 5.08 2.07 -5.47
N VAL A 114 4.31 2.95 -6.12
CA VAL A 114 4.37 4.40 -5.86
C VAL A 114 2.96 4.92 -5.52
N ALA A 115 2.83 5.57 -4.36
CA ALA A 115 1.59 6.18 -3.88
C ALA A 115 1.82 7.67 -3.63
N SER A 116 0.71 8.40 -3.36
CA SER A 116 0.63 9.85 -3.11
C SER A 116 1.09 10.62 -4.37
N VAL A 117 0.74 10.07 -5.55
CA VAL A 117 1.02 10.70 -6.84
C VAL A 117 0.01 11.83 -7.00
N HIS A 118 0.51 13.05 -7.25
CA HIS A 118 -0.31 14.25 -7.44
C HIS A 118 -1.21 14.05 -8.69
N GLN A 119 -2.47 14.54 -8.61
CA GLN A 119 -3.51 14.39 -9.65
C GLN A 119 -3.09 14.94 -11.03
N ASP A 120 -2.27 16.03 -11.03
CA ASP A 120 -1.81 16.73 -12.24
C ASP A 120 -0.67 15.97 -12.93
N LEU A 121 0.01 15.06 -12.21
CA LEU A 121 1.09 14.25 -12.78
C LEU A 121 0.50 13.07 -13.58
N SER A 122 1.02 12.82 -14.79
CA SER A 122 0.61 11.75 -15.70
C SER A 122 1.58 10.56 -15.63
N ASP A 123 1.38 9.54 -16.49
CA ASP A 123 2.22 8.34 -16.55
C ASP A 123 3.64 8.66 -17.04
N ASP A 124 3.73 9.30 -18.22
CA ASP A 124 5.01 9.59 -18.87
C ASP A 124 5.89 10.54 -18.04
N ASP A 125 5.31 11.48 -17.25
CA ASP A 125 6.18 12.36 -16.48
C ASP A 125 6.64 11.67 -15.18
N ILE A 126 5.90 10.66 -14.66
CA ILE A 126 6.35 9.85 -13.52
C ILE A 126 7.48 8.95 -14.05
N LYS A 127 7.33 8.44 -15.31
CA LYS A 127 8.34 7.62 -15.98
C LYS A 127 9.66 8.40 -16.13
N SER A 128 9.60 9.67 -16.62
CA SER A 128 10.76 10.54 -16.81
C SER A 128 11.52 10.78 -15.51
N VAL A 129 10.81 10.95 -14.39
CA VAL A 129 11.40 11.16 -13.05
C VAL A 129 12.19 9.89 -12.62
N PHE A 130 11.50 8.75 -12.52
CA PHE A 130 12.05 7.49 -12.05
C PHE A 130 13.04 6.86 -13.07
N GLU A 131 13.10 7.38 -14.31
CA GLU A 131 14.03 6.90 -15.34
C GLU A 131 15.48 7.30 -14.99
N ALA A 132 15.62 8.18 -13.97
CA ALA A 132 16.90 8.64 -13.44
C ALA A 132 17.69 7.49 -12.76
N PHE A 133 16.99 6.45 -12.27
CA PHE A 133 17.61 5.30 -11.59
C PHE A 133 17.96 4.17 -12.58
N GLY A 134 17.37 4.22 -13.78
CA GLY A 134 17.65 3.24 -14.81
C GLY A 134 16.53 3.04 -15.82
N LYS A 135 16.77 2.13 -16.78
CA LYS A 135 15.80 1.83 -17.82
C LYS A 135 14.57 1.15 -17.19
N ILE A 136 13.41 1.74 -17.50
CA ILE A 136 12.08 1.33 -17.07
C ILE A 136 11.44 0.47 -18.16
N LYS A 137 11.01 -0.76 -17.80
CA LYS A 137 10.33 -1.71 -18.69
C LYS A 137 8.87 -1.26 -18.88
N SER A 138 8.22 -0.83 -17.79
CA SER A 138 6.85 -0.34 -17.75
C SER A 138 6.65 0.60 -16.56
N CYS A 139 5.74 1.54 -16.74
CA CYS A 139 5.32 2.53 -15.76
C CYS A 139 3.86 2.82 -16.01
N THR A 140 3.01 2.41 -15.07
CA THR A 140 1.57 2.55 -15.19
C THR A 140 0.92 2.99 -13.89
N LEU A 141 0.13 4.07 -13.96
CA LEU A 141 -0.67 4.59 -12.87
C LEU A 141 -2.04 3.92 -12.91
N ALA A 142 -2.64 3.66 -11.74
CA ALA A 142 -3.96 3.06 -11.67
C ALA A 142 -5.01 4.11 -11.96
N ARG A 143 -6.00 3.80 -12.83
CA ARG A 143 -7.03 4.74 -13.25
C ARG A 143 -8.40 4.43 -12.62
N ASP A 144 -9.33 5.37 -12.70
CA ASP A 144 -10.68 5.15 -12.25
C ASP A 144 -11.49 4.56 -13.44
N PRO A 145 -12.29 3.49 -13.26
CA PRO A 145 -12.97 2.90 -14.42
C PRO A 145 -13.94 3.87 -15.12
N THR A 146 -14.69 4.69 -14.35
CA THR A 146 -15.66 5.64 -14.90
C THR A 146 -14.89 6.77 -15.65
N THR A 147 -14.13 7.62 -14.92
CA THR A 147 -13.32 8.69 -15.51
C THR A 147 -11.87 8.20 -15.59
N GLY A 148 -11.17 8.56 -16.68
CA GLY A 148 -9.77 8.19 -16.88
C GLY A 148 -8.79 8.85 -15.92
N LYS A 149 -9.30 9.40 -14.80
CA LYS A 149 -8.54 10.06 -13.73
C LYS A 149 -7.80 9.02 -12.95
N HIS A 150 -6.47 9.18 -12.76
CA HIS A 150 -5.69 8.17 -12.05
C HIS A 150 -6.04 8.21 -10.54
N LYS A 151 -5.86 7.07 -9.85
CA LYS A 151 -6.19 6.85 -8.44
C LYS A 151 -5.08 7.30 -7.43
N GLY A 152 -4.03 7.97 -7.92
CA GLY A 152 -2.94 8.44 -7.06
C GLY A 152 -1.84 7.44 -6.76
N TYR A 153 -1.84 6.29 -7.46
CA TYR A 153 -0.81 5.27 -7.28
C TYR A 153 -0.51 4.53 -8.60
N GLY A 154 0.61 3.82 -8.59
CA GLY A 154 0.98 3.02 -9.73
C GLY A 154 2.15 2.12 -9.44
N PHE A 155 2.55 1.37 -10.45
CA PHE A 155 3.66 0.45 -10.41
C PHE A 155 4.63 0.75 -11.51
N ILE A 156 5.90 0.71 -11.16
CA ILE A 156 7.03 0.90 -12.06
C ILE A 156 7.85 -0.39 -12.04
N GLU A 157 8.15 -0.91 -13.22
CA GLU A 157 8.93 -2.13 -13.41
C GLU A 157 10.21 -1.72 -14.12
N TYR A 158 11.34 -2.07 -13.51
CA TYR A 158 12.69 -1.77 -13.98
C TYR A 158 13.36 -2.96 -14.64
N GLU A 159 14.39 -2.71 -15.49
CA GLU A 159 15.14 -3.79 -16.12
C GLU A 159 16.15 -4.40 -15.14
N LYS A 160 16.71 -3.57 -14.24
CA LYS A 160 17.72 -4.02 -13.28
C LYS A 160 17.24 -3.79 -11.84
N ALA A 161 17.66 -4.68 -10.94
CA ALA A 161 17.33 -4.68 -9.52
C ALA A 161 18.01 -3.54 -8.77
N GLN A 162 19.20 -3.12 -9.26
CA GLN A 162 19.93 -2.01 -8.66
C GLN A 162 19.10 -0.74 -8.74
N SER A 163 18.48 -0.50 -9.92
CA SER A 163 17.64 0.66 -10.26
C SER A 163 16.42 0.73 -9.33
N SER A 164 15.80 -0.41 -9.13
CA SER A 164 14.64 -0.68 -8.30
C SER A 164 14.97 -0.30 -6.84
N GLN A 165 16.08 -0.81 -6.30
CA GLN A 165 16.55 -0.52 -4.96
C GLN A 165 16.89 0.98 -4.81
N ASP A 166 17.65 1.55 -5.76
CA ASP A 166 18.00 2.97 -5.76
C ASP A 166 16.75 3.86 -5.69
N ALA A 167 15.75 3.56 -6.54
CA ALA A 167 14.50 4.31 -6.66
C ALA A 167 13.75 4.37 -5.32
N VAL A 168 13.55 3.23 -4.64
CA VAL A 168 12.84 3.16 -3.36
C VAL A 168 13.57 3.98 -2.31
N SER A 169 14.89 3.80 -2.26
CA SER A 169 15.78 4.45 -1.31
C SER A 169 15.73 5.97 -1.47
N SER A 170 15.91 6.48 -2.71
CA SER A 170 15.96 7.92 -3.02
C SER A 170 14.60 8.58 -3.20
N MSE A 171 13.53 7.84 -3.53
CA MSE A 171 12.23 8.48 -3.83
C MSE A 171 11.16 8.29 -2.74
O MSE A 171 10.11 8.94 -2.85
CB MSE A 171 11.67 7.99 -5.16
CG MSE A 171 12.55 8.33 -6.32
SE MSE A 171 12.86 10.23 -6.45
CE MSE A 171 11.10 10.69 -7.15
N ASN A 172 11.38 7.46 -1.69
CA ASN A 172 10.35 7.37 -0.66
C ASN A 172 10.39 8.66 0.19
N LEU A 173 9.24 9.37 0.27
CA LEU A 173 8.95 10.63 0.99
C LEU A 173 9.50 11.84 0.19
N PHE A 174 9.73 11.65 -1.13
CA PHE A 174 10.18 12.71 -2.02
C PHE A 174 9.05 13.75 -2.23
N ASP A 175 9.39 15.04 -2.19
CA ASP A 175 8.43 16.14 -2.36
C ASP A 175 8.17 16.39 -3.86
N LEU A 176 7.15 15.70 -4.40
CA LEU A 176 6.74 15.82 -5.81
C LEU A 176 5.30 16.33 -5.79
N GLY A 177 5.14 17.61 -6.11
CA GLY A 177 3.89 18.33 -5.98
C GLY A 177 3.82 18.77 -4.54
N GLY A 178 2.61 18.99 -4.02
CA GLY A 178 2.47 19.33 -2.60
C GLY A 178 2.54 18.09 -1.71
N GLN A 179 2.50 16.90 -2.33
CA GLN A 179 2.44 15.58 -1.71
C GLN A 179 3.81 14.88 -1.59
N TYR A 180 4.00 14.11 -0.51
CA TYR A 180 5.23 13.33 -0.31
C TYR A 180 4.97 11.90 -0.76
N LEU A 181 5.63 11.46 -1.86
CA LEU A 181 5.52 10.11 -2.44
C LEU A 181 5.79 9.06 -1.41
N ARG A 182 5.05 7.94 -1.49
CA ARG A 182 5.28 6.78 -0.61
C ARG A 182 5.67 5.65 -1.55
N VAL A 183 6.94 5.20 -1.48
CA VAL A 183 7.53 4.25 -2.42
C VAL A 183 8.10 3.04 -1.70
N GLY A 184 7.70 1.87 -2.16
CA GLY A 184 8.21 0.60 -1.67
C GLY A 184 8.37 -0.42 -2.77
N LYS A 185 9.15 -1.47 -2.50
CA LYS A 185 9.30 -2.59 -3.42
C LYS A 185 7.98 -3.39 -3.46
N ALA A 186 7.63 -4.03 -4.59
CA ALA A 186 6.42 -4.85 -4.66
C ALA A 186 6.52 -6.05 -3.70
N VAL A 187 5.39 -6.47 -3.11
CA VAL A 187 5.37 -7.64 -2.19
C VAL A 187 4.63 -8.82 -2.89
N THR A 188 4.20 -8.61 -4.14
CA THR A 188 3.50 -9.58 -4.98
C THR A 188 4.07 -9.53 -6.40
N PRO A 189 4.01 -10.62 -7.19
CA PRO A 189 4.41 -10.50 -8.59
C PRO A 189 3.31 -9.79 -9.43
N PRO A 190 3.59 -9.25 -10.66
CA PRO A 190 2.50 -8.64 -11.45
C PRO A 190 1.42 -9.68 -11.73
N MSE A 191 0.19 -9.41 -11.26
CA MSE A 191 -0.95 -10.32 -11.35
C MSE A 191 -0.66 -11.60 -10.52
O MSE A 191 -0.14 -12.61 -11.03
CB MSE A 191 -1.26 -10.66 -12.80
CG MSE A 191 -2.73 -10.70 -13.09
SE MSE A 191 -2.90 -10.93 -14.98
CE MSE A 191 -1.63 -9.47 -15.66
N PRO A 192 -0.96 -11.52 -9.21
CA PRO A 192 -0.63 -12.65 -8.32
C PRO A 192 -1.51 -13.89 -8.54
N LEU A 193 -2.66 -13.75 -9.24
CA LEU A 193 -3.60 -14.85 -9.52
C LEU A 193 -3.31 -15.47 -10.88
N LEU A 194 -2.13 -16.13 -10.99
CA LEU A 194 -1.65 -16.72 -12.24
C LEU A 194 -1.15 -18.17 -12.03
N THR A 195 -0.25 -18.39 -11.02
CA THR A 195 0.40 -19.66 -10.63
C THR A 195 0.73 -20.50 -11.94
N PRO A 196 1.78 -20.11 -12.75
CA PRO A 196 2.02 -20.83 -14.02
C PRO A 196 3.08 -21.96 -13.93
N ALA A 197 2.60 -23.23 -13.87
CA ALA A 197 3.39 -24.46 -13.77
C ALA A 197 4.32 -24.67 -14.99
CL CL B . 7.08 21.07 -5.31
#